data_7Z67
#
_entry.id   7Z67
#
_cell.length_a   93.370
_cell.length_b   93.370
_cell.length_c   266.327
_cell.angle_alpha   90.000
_cell.angle_beta   90.000
_cell.angle_gamma   120.000
#
_symmetry.space_group_name_H-M   'P 61 2 2'
#
loop_
_entity.id
_entity.type
_entity.pdbx_description
1 polymer 'Inorganic pyrophosphatase TTM1'
2 non-polymer 'CITRIC ACID'
3 non-polymer 1,2-ETHANEDIOL
4 non-polymer 'PHOSPHOMETHYLPHOSPHONIC ACID ADENYLATE ESTER'
5 non-polymer 'MAGNESIUM ION'
6 non-polymer 'SODIUM ION'
7 water water
#
_entity_poly.entity_id   1
_entity_poly.type   'polypeptide(L)'
_entity_poly.pdbx_seq_one_letter_code
;GA(MSE)DQVQLIKRKDSGRYEIVPIEDPLSFEKGFYAVIRACQLLAQKNDGLILVGLAGPSGAGKTIFTEKILNF
(MSE)PSIAIIN(MSE)DNYNDGTRVIDGNFDDPRLTDYDTLLDNIHGLRDGKPVQVPIYDFKSSSRIGYRTLEVPSSRI
VILEGIYALSEKLRPLLDLRVSVTGGVHFDLVKRVLRDIQRAGQEPEEIIHQISETVYP(MSE)YKAFIEPDLKTAQIKI
LNKFNPFSGFQNPTYILKSSKAVTPEQ(MSE)KAALSEDFKERTEETYDIYLLPPGEDPEACQSYLR(MSE)RNRDGKYN
L(MSE)FEEWVTDRPFIISPRITFEVSVRLLGGL(MSE)ALGYTIATILKRKSHIFDDDKVIVKTDWLEQLNRTYVQVQG
KDRTFVKNVADQLGLEGSYVPHTYIEQIQLER
;
_entity_poly.pdbx_strand_id   A
#
# COMPACT_ATOMS: atom_id res chain seq x y z
N ASP A 4 -24.77 -11.78 -6.57
CA ASP A 4 -24.19 -11.40 -5.28
C ASP A 4 -24.57 -12.42 -4.22
N GLN A 5 -25.53 -13.28 -4.53
CA GLN A 5 -25.89 -14.36 -3.62
C GLN A 5 -24.81 -15.42 -3.62
N VAL A 6 -24.19 -15.63 -2.46
CA VAL A 6 -23.16 -16.66 -2.33
C VAL A 6 -23.84 -18.01 -2.17
N GLN A 7 -23.42 -18.99 -2.98
CA GLN A 7 -23.95 -20.33 -2.94
C GLN A 7 -22.80 -21.32 -3.03
N LEU A 8 -23.01 -22.52 -2.48
CA LEU A 8 -21.96 -23.53 -2.40
C LEU A 8 -22.23 -24.67 -3.35
N ILE A 9 -21.15 -25.31 -3.80
CA ILE A 9 -21.20 -26.46 -4.70
C ILE A 9 -20.05 -27.39 -4.35
N LYS A 10 -20.35 -28.69 -4.26
CA LYS A 10 -19.34 -29.67 -3.91
C LYS A 10 -18.32 -29.80 -5.04
N ARG A 11 -17.06 -29.50 -4.72
CA ARG A 11 -15.98 -29.68 -5.68
C ARG A 11 -15.69 -31.17 -5.85
N LYS A 12 -15.70 -31.64 -7.10
CA LYS A 12 -15.63 -33.08 -7.36
C LYS A 12 -14.31 -33.71 -6.93
N ASP A 13 -13.24 -32.92 -6.81
CA ASP A 13 -11.94 -33.48 -6.45
C ASP A 13 -11.89 -33.93 -4.99
N SER A 14 -12.84 -33.51 -4.17
CA SER A 14 -12.86 -33.87 -2.75
C SER A 14 -14.32 -33.90 -2.30
N GLY A 15 -14.52 -33.77 -0.99
CA GLY A 15 -15.87 -33.67 -0.44
C GLY A 15 -16.17 -32.27 0.03
N ARG A 16 -15.16 -31.41 -0.02
CA ARG A 16 -15.33 -30.02 0.44
C ARG A 16 -16.17 -29.23 -0.55
N TYR A 17 -17.03 -28.36 -0.02
CA TYR A 17 -17.85 -27.49 -0.84
C TYR A 17 -17.06 -26.27 -1.28
N GLU A 18 -17.58 -25.57 -2.29
CA GLU A 18 -16.88 -24.44 -2.88
C GLU A 18 -17.88 -23.39 -3.32
N ILE A 19 -17.44 -22.13 -3.33
CA ILE A 19 -18.30 -21.02 -3.72
C ILE A 19 -18.54 -21.06 -5.22
N VAL A 20 -19.79 -20.89 -5.62
CA VAL A 20 -20.14 -20.80 -7.05
C VAL A 20 -19.54 -19.51 -7.60
N PRO A 21 -18.80 -19.56 -8.71
CA PRO A 21 -18.11 -18.37 -9.21
C PRO A 21 -19.09 -17.24 -9.55
N ILE A 22 -18.85 -16.07 -8.98
CA ILE A 22 -19.62 -14.87 -9.28
C ILE A 22 -18.91 -14.18 -10.44
N GLU A 23 -19.45 -14.35 -11.65
CA GLU A 23 -18.77 -13.84 -12.84
C GLU A 23 -18.82 -12.32 -12.89
N ASP A 24 -19.83 -11.70 -12.32
CA ASP A 24 -19.94 -10.25 -12.34
C ASP A 24 -18.97 -9.63 -11.35
N PRO A 25 -18.17 -8.64 -11.75
CA PRO A 25 -17.36 -7.90 -10.78
C PRO A 25 -18.23 -7.19 -9.76
N LEU A 26 -17.66 -6.96 -8.58
CA LEU A 26 -18.43 -6.50 -7.43
C LEU A 26 -17.79 -5.24 -6.84
N SER A 27 -18.62 -4.44 -6.19
CA SER A 27 -18.15 -3.24 -5.52
C SER A 27 -17.26 -3.59 -4.33
N PHE A 28 -16.51 -2.60 -3.86
CA PHE A 28 -15.68 -2.81 -2.67
C PHE A 28 -16.53 -3.09 -1.44
N GLU A 29 -17.60 -2.32 -1.27
CA GLU A 29 -18.48 -2.53 -0.11
C GLU A 29 -19.29 -3.80 -0.29
N LYS A 30 -19.74 -4.10 -1.50
CA LYS A 30 -20.51 -5.31 -1.75
C LYS A 30 -19.63 -6.55 -1.74
N GLY A 31 -18.42 -6.45 -2.31
CA GLY A 31 -17.48 -7.56 -2.23
C GLY A 31 -17.04 -7.86 -0.82
N PHE A 32 -16.96 -6.82 0.02
CA PHE A 32 -16.62 -7.03 1.43
C PHE A 32 -17.65 -7.92 2.12
N TYR A 33 -18.93 -7.70 1.85
CA TYR A 33 -19.98 -8.52 2.44
C TYR A 33 -20.09 -9.89 1.77
N ALA A 34 -19.78 -9.97 0.47
CA ALA A 34 -19.82 -11.25 -0.22
C ALA A 34 -18.72 -12.18 0.29
N VAL A 35 -17.55 -11.62 0.61
CA VAL A 35 -16.45 -12.44 1.13
C VAL A 35 -16.78 -12.96 2.53
N ILE A 36 -17.32 -12.08 3.38
CA ILE A 36 -17.63 -12.47 4.76
C ILE A 36 -18.68 -13.57 4.78
N ARG A 37 -19.76 -13.39 4.02
CA ARG A 37 -20.82 -14.39 4.00
C ARG A 37 -20.34 -15.69 3.35
N ALA A 38 -19.42 -15.62 2.40
CA ALA A 38 -18.86 -16.83 1.80
C ALA A 38 -18.06 -17.61 2.83
N CYS A 39 -17.32 -16.92 3.69
CA CYS A 39 -16.57 -17.61 4.74
C CYS A 39 -17.50 -18.25 5.76
N GLN A 40 -18.59 -17.57 6.11
CA GLN A 40 -19.55 -18.14 7.05
C GLN A 40 -20.15 -19.43 6.52
N LEU A 41 -20.43 -19.48 5.21
CA LEU A 41 -21.01 -20.68 4.61
C LEU A 41 -19.96 -21.77 4.40
N LEU A 42 -18.73 -21.39 4.06
CA LEU A 42 -17.68 -22.38 3.87
C LEU A 42 -17.24 -23.00 5.19
N ALA A 43 -17.40 -22.28 6.31
CA ALA A 43 -17.05 -22.79 7.62
C ALA A 43 -18.16 -23.64 8.24
N GLN A 44 -19.38 -23.55 7.72
CA GLN A 44 -20.48 -24.37 8.19
C GLN A 44 -20.66 -25.65 7.38
N LYS A 45 -20.02 -25.75 6.22
CA LYS A 45 -20.15 -26.93 5.37
C LYS A 45 -18.86 -27.70 5.17
N ASN A 46 -17.70 -27.08 5.41
CA ASN A 46 -16.41 -27.75 5.32
C ASN A 46 -15.72 -27.69 6.67
N ASP A 47 -15.10 -28.79 7.07
CA ASP A 47 -14.33 -28.84 8.30
C ASP A 47 -12.88 -28.43 8.02
N GLY A 48 -12.13 -28.28 9.10
CA GLY A 48 -10.72 -27.93 8.96
C GLY A 48 -10.50 -26.45 8.70
N LEU A 49 -9.36 -26.16 8.08
CA LEU A 49 -8.95 -24.78 7.84
C LEU A 49 -9.75 -24.18 6.67
N ILE A 50 -10.09 -22.91 6.81
CA ILE A 50 -10.74 -22.13 5.75
C ILE A 50 -9.72 -21.13 5.25
N LEU A 51 -9.00 -21.50 4.19
CA LEU A 51 -7.94 -20.67 3.62
C LEU A 51 -8.46 -19.93 2.40
N VAL A 52 -8.26 -18.62 2.38
CA VAL A 52 -8.76 -17.78 1.30
C VAL A 52 -7.58 -17.01 0.70
N GLY A 53 -7.42 -17.10 -0.61
CA GLY A 53 -6.39 -16.34 -1.29
C GLY A 53 -6.93 -14.99 -1.75
N LEU A 54 -6.29 -13.92 -1.31
CA LEU A 54 -6.67 -12.55 -1.71
C LEU A 54 -5.55 -12.00 -2.57
N ALA A 55 -5.76 -12.00 -3.88
CA ALA A 55 -4.76 -11.57 -4.84
C ALA A 55 -5.16 -10.24 -5.46
N GLY A 56 -4.19 -9.61 -6.11
CA GLY A 56 -4.41 -8.34 -6.76
C GLY A 56 -3.14 -7.52 -6.87
N PRO A 57 -3.15 -6.52 -7.74
CA PRO A 57 -1.95 -5.69 -7.92
C PRO A 57 -1.74 -4.77 -6.72
N SER A 58 -0.50 -4.31 -6.59
CA SER A 58 -0.19 -3.32 -5.57
C SER A 58 -0.96 -2.03 -5.85
N GLY A 59 -1.73 -1.58 -4.87
CA GLY A 59 -2.51 -0.36 -4.99
C GLY A 59 -3.97 -0.56 -5.27
N ALA A 60 -4.39 -1.78 -5.64
CA ALA A 60 -5.80 -2.03 -5.92
C ALA A 60 -6.67 -1.97 -4.67
N GLY A 61 -6.07 -2.07 -3.49
CA GLY A 61 -6.82 -1.96 -2.25
C GLY A 61 -6.94 -3.24 -1.44
N LYS A 62 -6.12 -4.25 -1.70
CA LYS A 62 -6.26 -5.51 -0.96
C LYS A 62 -5.79 -5.37 0.49
N THR A 63 -4.89 -4.43 0.75
CA THR A 63 -4.44 -4.21 2.13
C THR A 63 -5.54 -3.59 2.97
N ILE A 64 -6.15 -2.51 2.48
CA ILE A 64 -7.24 -1.89 3.22
C ILE A 64 -8.46 -2.79 3.25
N PHE A 65 -8.57 -3.73 2.31
CA PHE A 65 -9.63 -4.73 2.36
C PHE A 65 -9.44 -5.66 3.54
N THR A 66 -8.21 -6.15 3.73
CA THR A 66 -7.93 -7.07 4.84
C THR A 66 -8.17 -6.40 6.19
N GLU A 67 -7.62 -5.19 6.38
CA GLU A 67 -7.75 -4.53 7.67
C GLU A 67 -9.17 -4.05 7.96
N LYS A 68 -10.08 -4.11 6.99
CA LYS A 68 -11.49 -3.94 7.28
C LYS A 68 -12.15 -5.25 7.71
N ILE A 69 -11.69 -6.37 7.15
CA ILE A 69 -12.18 -7.68 7.62
C ILE A 69 -11.67 -7.96 9.03
N LEU A 70 -10.45 -7.51 9.35
CA LEU A 70 -9.89 -7.75 10.68
C LEU A 70 -10.61 -6.94 11.74
N ASN A 71 -10.95 -5.69 11.44
CA ASN A 71 -11.69 -4.87 12.40
C ASN A 71 -13.12 -5.38 12.55
N PHE A 72 -13.68 -5.99 11.51
CA PHE A 72 -15.00 -6.61 11.64
C PHE A 72 -14.92 -7.94 12.36
N PRO A 74 -11.96 -9.80 14.48
CA PRO A 74 -10.61 -10.00 15.02
C PRO A 74 -10.23 -11.47 15.18
N SER A 75 -11.18 -12.39 15.07
CA SER A 75 -10.89 -13.80 15.27
C SER A 75 -10.30 -14.47 14.03
N ILE A 76 -10.05 -13.73 12.95
CA ILE A 76 -9.39 -14.27 11.78
C ILE A 76 -7.93 -13.84 11.80
N ALA A 77 -7.10 -14.58 11.07
CA ALA A 77 -5.68 -14.29 10.94
C ALA A 77 -5.37 -13.89 9.51
N ILE A 78 -4.48 -12.90 9.36
CA ILE A 78 -4.03 -12.44 8.06
C ILE A 78 -2.56 -12.84 7.91
N ILE A 79 -2.24 -13.50 6.80
CA ILE A 79 -0.86 -13.84 6.47
C ILE A 79 -0.47 -13.04 5.24
N ASN A 80 0.56 -12.20 5.39
CA ASN A 80 1.06 -11.38 4.29
C ASN A 80 2.10 -12.19 3.53
N ASP A 82 4.15 -11.58 1.22
CA ASP A 82 5.47 -11.00 0.98
C ASP A 82 6.46 -11.32 2.10
N ASN A 83 5.97 -11.79 3.25
CA ASN A 83 6.87 -12.21 4.31
C ASN A 83 7.62 -13.49 3.96
N TYR A 84 7.16 -14.22 2.94
CA TYR A 84 7.85 -15.41 2.47
C TYR A 84 8.91 -15.11 1.41
N ASN A 85 9.28 -13.84 1.26
CA ASN A 85 10.24 -13.47 0.23
C ASN A 85 11.64 -13.97 0.57
N ASP A 86 12.42 -14.20 -0.49
CA ASP A 86 13.81 -14.63 -0.37
C ASP A 86 14.61 -13.81 -1.38
N GLY A 87 15.32 -12.80 -0.88
CA GLY A 87 16.05 -11.90 -1.77
C GLY A 87 17.15 -12.55 -2.55
N THR A 88 17.65 -13.71 -2.08
CA THR A 88 18.74 -14.38 -2.78
C THR A 88 18.28 -15.07 -4.06
N ARG A 89 16.96 -15.25 -4.23
CA ARG A 89 16.47 -15.95 -5.42
C ARG A 89 16.61 -15.10 -6.67
N VAL A 90 16.46 -13.78 -6.56
CA VAL A 90 16.58 -12.87 -7.69
C VAL A 90 17.72 -11.90 -7.43
N ILE A 91 18.23 -11.33 -8.53
CA ILE A 91 19.23 -10.25 -8.42
C ILE A 91 18.59 -8.88 -8.39
N ASP A 92 17.29 -8.78 -8.66
CA ASP A 92 16.57 -7.52 -8.60
C ASP A 92 16.10 -7.27 -7.17
N GLY A 93 15.43 -6.13 -6.97
CA GLY A 93 14.79 -5.83 -5.71
C GLY A 93 13.32 -5.59 -5.91
N ASN A 94 12.80 -6.02 -7.06
CA ASN A 94 11.41 -5.79 -7.42
C ASN A 94 10.50 -6.69 -6.60
N PHE A 95 9.64 -6.09 -5.78
CA PHE A 95 8.66 -6.85 -5.01
C PHE A 95 7.62 -7.51 -5.90
N ASP A 96 7.43 -7.01 -7.13
CA ASP A 96 6.50 -7.63 -8.07
C ASP A 96 6.96 -9.01 -8.52
N ASP A 97 8.26 -9.30 -8.42
CA ASP A 97 8.83 -10.52 -8.95
C ASP A 97 8.20 -11.74 -8.29
N PRO A 98 7.52 -12.61 -9.05
CA PRO A 98 6.94 -13.82 -8.45
C PRO A 98 7.96 -14.86 -8.03
N ARG A 99 9.22 -14.72 -8.44
CA ARG A 99 10.28 -15.64 -8.05
C ARG A 99 10.86 -15.35 -6.67
N LEU A 100 10.25 -14.44 -5.92
CA LEU A 100 10.73 -14.10 -4.58
C LEU A 100 10.19 -15.02 -3.50
N THR A 101 8.96 -15.50 -3.65
CA THR A 101 8.32 -16.24 -2.57
C THR A 101 8.92 -17.63 -2.41
N ASP A 102 9.31 -17.95 -1.18
CA ASP A 102 9.75 -19.30 -0.82
C ASP A 102 8.52 -20.17 -0.68
N TYR A 103 8.15 -20.88 -1.76
CA TYR A 103 6.96 -21.71 -1.73
C TYR A 103 7.11 -22.92 -0.82
N ASP A 104 8.33 -23.35 -0.53
CA ASP A 104 8.53 -24.46 0.39
C ASP A 104 8.03 -24.11 1.78
N THR A 105 8.39 -22.93 2.29
CA THR A 105 7.92 -22.51 3.61
C THR A 105 6.43 -22.21 3.59
N LEU A 106 5.94 -21.63 2.49
CA LEU A 106 4.52 -21.28 2.39
C LEU A 106 3.64 -22.52 2.39
N LEU A 107 3.91 -23.45 1.47
CA LEU A 107 3.09 -24.66 1.37
C LEU A 107 3.16 -25.49 2.65
N ASP A 108 4.34 -25.53 3.29
CA ASP A 108 4.46 -26.24 4.56
C ASP A 108 3.62 -25.59 5.64
N ASN A 109 3.57 -24.25 5.66
CA ASN A 109 2.83 -23.55 6.69
C ASN A 109 1.33 -23.83 6.60
N ILE A 110 0.80 -23.93 5.37
CA ILE A 110 -0.63 -24.13 5.23
C ILE A 110 -1.01 -25.60 5.44
N HIS A 111 -0.10 -26.53 5.16
CA HIS A 111 -0.39 -27.93 5.46
C HIS A 111 -0.39 -28.19 6.96
N GLY A 112 0.44 -27.47 7.72
CA GLY A 112 0.39 -27.60 9.16
C GLY A 112 -0.87 -27.02 9.76
N LEU A 113 -1.30 -25.85 9.26
CA LEU A 113 -2.52 -25.24 9.76
C LEU A 113 -3.75 -26.06 9.37
N ARG A 114 -3.69 -26.78 8.25
CA ARG A 114 -4.78 -27.68 7.89
C ARG A 114 -4.85 -28.88 8.83
N ASP A 115 -3.70 -29.36 9.29
CA ASP A 115 -3.65 -30.44 10.26
C ASP A 115 -3.78 -29.96 11.70
N GLY A 116 -4.23 -28.72 11.90
CA GLY A 116 -4.44 -28.19 13.23
C GLY A 116 -3.18 -27.82 13.98
N LYS A 117 -2.02 -27.86 13.34
CA LYS A 117 -0.80 -27.54 14.06
C LYS A 117 -0.47 -26.06 13.92
N PRO A 118 0.08 -25.44 14.97
CA PRO A 118 0.65 -24.10 14.80
C PRO A 118 1.96 -24.17 14.05
N VAL A 119 2.21 -23.14 13.24
CA VAL A 119 3.38 -23.12 12.36
C VAL A 119 4.18 -21.86 12.60
N GLN A 120 5.46 -21.92 12.28
CA GLN A 120 6.35 -20.76 12.34
C GLN A 120 6.35 -20.08 10.98
N VAL A 121 5.62 -18.98 10.87
CA VAL A 121 5.54 -18.23 9.62
C VAL A 121 6.63 -17.16 9.61
N PRO A 122 7.36 -17.01 8.52
CA PRO A 122 8.51 -16.09 8.53
C PRO A 122 8.09 -14.62 8.61
N ILE A 123 9.03 -13.82 9.09
CA ILE A 123 8.91 -12.36 9.13
C ILE A 123 10.04 -11.78 8.29
N TYR A 124 9.69 -10.95 7.32
CA TYR A 124 10.65 -10.42 6.35
C TYR A 124 10.84 -8.94 6.58
N ASP A 125 12.10 -8.51 6.69
CA ASP A 125 12.47 -7.11 6.82
C ASP A 125 12.95 -6.63 5.46
N PHE A 126 12.22 -5.68 4.86
CA PHE A 126 12.59 -5.19 3.54
C PHE A 126 13.80 -4.29 3.58
N LYS A 127 14.04 -3.62 4.71
CA LYS A 127 15.21 -2.74 4.82
C LYS A 127 16.50 -3.51 4.64
N SER A 128 16.64 -4.63 5.35
CA SER A 128 17.81 -5.50 5.20
C SER A 128 17.63 -6.54 4.11
N SER A 129 16.44 -6.66 3.53
CA SER A 129 16.16 -7.62 2.46
C SER A 129 16.47 -9.05 2.90
N SER A 130 16.04 -9.39 4.12
CA SER A 130 16.34 -10.69 4.69
C SER A 130 15.22 -11.08 5.65
N ARG A 131 15.23 -12.35 6.02
CA ARG A 131 14.26 -12.91 6.96
C ARG A 131 14.84 -12.77 8.37
N ILE A 132 14.25 -11.87 9.17
CA ILE A 132 14.81 -11.58 10.49
C ILE A 132 14.42 -12.65 11.51
N GLY A 133 13.32 -13.36 11.30
CA GLY A 133 12.91 -14.36 12.24
C GLY A 133 11.57 -14.95 11.86
N TYR A 134 10.91 -15.56 12.84
CA TYR A 134 9.62 -16.20 12.63
C TYR A 134 8.67 -15.81 13.76
N ARG A 135 7.37 -15.96 13.49
CA ARG A 135 6.34 -15.77 14.49
C ARG A 135 5.45 -17.01 14.53
N THR A 136 4.97 -17.35 15.72
CA THR A 136 4.11 -18.52 15.88
C THR A 136 2.67 -18.13 15.56
N LEU A 137 2.09 -18.78 14.57
CA LEU A 137 0.71 -18.52 14.16
C LEU A 137 -0.09 -19.81 14.36
N GLU A 138 -1.05 -19.78 15.28
CA GLU A 138 -1.96 -20.89 15.47
C GLU A 138 -3.21 -20.69 14.63
N VAL A 139 -3.94 -21.78 14.43
CA VAL A 139 -5.21 -21.73 13.71
C VAL A 139 -6.15 -20.84 14.53
N PRO A 140 -6.57 -19.70 14.01
CA PRO A 140 -7.40 -18.78 14.80
C PRO A 140 -8.75 -19.40 15.14
N SER A 141 -9.47 -18.72 16.04
CA SER A 141 -10.78 -19.21 16.46
C SER A 141 -11.75 -19.32 15.29
N SER A 142 -11.79 -18.27 14.46
CA SER A 142 -12.67 -18.26 13.30
C SER A 142 -12.30 -19.33 12.27
N ARG A 143 -11.11 -19.94 12.42
CA ARG A 143 -10.50 -20.85 11.46
C ARG A 143 -10.39 -20.25 10.06
N ILE A 144 -10.45 -18.93 9.96
CA ILE A 144 -10.31 -18.21 8.70
C ILE A 144 -8.91 -17.63 8.63
N VAL A 145 -8.16 -18.02 7.60
CA VAL A 145 -6.83 -17.47 7.34
C VAL A 145 -6.86 -16.83 5.96
N ILE A 146 -6.47 -15.56 5.89
CA ILE A 146 -6.41 -14.82 4.63
C ILE A 146 -4.96 -14.75 4.19
N LEU A 147 -4.67 -15.33 3.02
CA LEU A 147 -3.35 -15.23 2.41
C LEU A 147 -3.40 -14.07 1.41
N GLU A 148 -2.78 -12.95 1.78
CA GLU A 148 -2.81 -11.73 0.98
C GLU A 148 -1.49 -11.58 0.25
N GLY A 149 -1.56 -11.35 -1.05
CA GLY A 149 -0.36 -11.19 -1.86
C GLY A 149 -0.72 -10.98 -3.31
N ILE A 150 0.27 -10.53 -4.07
CA ILE A 150 0.07 -10.29 -5.50
C ILE A 150 -0.23 -11.60 -6.22
N TYR A 151 0.42 -12.68 -5.81
CA TYR A 151 0.25 -13.99 -6.42
C TYR A 151 -0.41 -14.99 -5.47
N ALA A 152 -1.38 -14.50 -4.68
CA ALA A 152 -2.10 -15.38 -3.77
C ALA A 152 -3.00 -16.36 -4.50
N LEU A 153 -3.25 -16.16 -5.79
CA LEU A 153 -4.02 -17.09 -6.61
C LEU A 153 -3.15 -17.86 -7.59
N SER A 154 -1.87 -18.03 -7.28
CA SER A 154 -0.97 -18.76 -8.15
C SER A 154 -1.39 -20.22 -8.29
N GLU A 155 -0.86 -20.88 -9.31
CA GLU A 155 -1.22 -22.26 -9.58
C GLU A 155 -0.81 -23.19 -8.45
N LYS A 156 0.27 -22.85 -7.73
CA LYS A 156 0.71 -23.69 -6.62
C LYS A 156 -0.22 -23.59 -5.41
N LEU A 157 -1.05 -22.53 -5.34
CA LEU A 157 -1.88 -22.29 -4.17
C LEU A 157 -3.36 -22.54 -4.40
N ARG A 158 -3.84 -22.50 -5.64
CA ARG A 158 -5.26 -22.68 -5.89
C ARG A 158 -5.81 -24.02 -5.40
N PRO A 159 -5.13 -25.16 -5.56
CA PRO A 159 -5.68 -26.41 -5.01
C PRO A 159 -5.87 -26.37 -3.50
N LEU A 160 -5.09 -25.57 -2.78
CA LEU A 160 -5.21 -25.48 -1.32
C LEU A 160 -6.09 -24.33 -0.87
N LEU A 161 -6.54 -23.47 -1.78
CA LEU A 161 -7.43 -22.38 -1.41
C LEU A 161 -8.87 -22.86 -1.36
N ASP A 162 -9.62 -22.33 -0.39
CA ASP A 162 -11.06 -22.59 -0.32
C ASP A 162 -11.88 -21.51 -1.01
N LEU A 163 -11.33 -20.30 -1.11
CA LEU A 163 -12.01 -19.19 -1.76
C LEU A 163 -10.96 -18.31 -2.44
N ARG A 164 -11.16 -18.04 -3.72
CA ARG A 164 -10.24 -17.23 -4.52
C ARG A 164 -10.88 -15.88 -4.77
N VAL A 165 -10.34 -14.84 -4.14
CA VAL A 165 -10.85 -13.47 -4.28
C VAL A 165 -9.75 -12.61 -4.89
N SER A 166 -10.11 -11.78 -5.86
CA SER A 166 -9.20 -10.84 -6.49
C SER A 166 -9.72 -9.42 -6.32
N VAL A 167 -8.79 -8.48 -6.22
CA VAL A 167 -9.11 -7.06 -6.07
C VAL A 167 -8.34 -6.29 -7.14
N THR A 168 -9.06 -5.51 -7.94
CA THR A 168 -8.47 -4.74 -9.02
C THR A 168 -8.91 -3.29 -8.91
N GLY A 169 -8.25 -2.43 -9.67
CA GLY A 169 -8.62 -1.02 -9.73
C GLY A 169 -7.84 -0.19 -8.71
N GLY A 170 -8.57 0.53 -7.87
CA GLY A 170 -7.98 1.37 -6.84
C GLY A 170 -7.06 2.42 -7.43
N VAL A 171 -6.06 2.81 -6.65
CA VAL A 171 -5.07 3.77 -7.11
C VAL A 171 -4.13 3.15 -8.14
N HIS A 172 -4.07 1.82 -8.21
CA HIS A 172 -3.30 1.16 -9.25
C HIS A 172 -3.82 1.54 -10.63
N PHE A 173 -5.15 1.51 -10.81
CA PHE A 173 -5.72 1.90 -12.09
C PHE A 173 -5.85 3.41 -12.21
N ASP A 174 -6.05 4.12 -11.09
CA ASP A 174 -6.20 5.58 -11.16
C ASP A 174 -4.94 6.25 -11.67
N LEU A 175 -3.77 5.67 -11.38
CA LEU A 175 -2.54 6.19 -11.96
C LEU A 175 -2.55 6.11 -13.48
N VAL A 176 -3.14 5.04 -14.02
CA VAL A 176 -3.22 4.90 -15.47
C VAL A 176 -4.11 5.99 -16.07
N LYS A 177 -5.27 6.23 -15.45
CA LYS A 177 -6.13 7.31 -15.93
C LYS A 177 -5.48 8.67 -15.74
N ARG A 178 -4.70 8.84 -14.67
CA ARG A 178 -4.00 10.10 -14.45
C ARG A 178 -2.95 10.34 -15.54
N VAL A 179 -2.16 9.31 -15.88
CA VAL A 179 -1.21 9.42 -16.97
C VAL A 179 -1.93 9.71 -18.28
N LEU A 180 -3.09 9.08 -18.49
CA LEU A 180 -3.87 9.35 -19.68
C LEU A 180 -4.29 10.82 -19.75
N ARG A 181 -4.72 11.38 -18.62
CA ARG A 181 -5.04 12.80 -18.57
C ARG A 181 -3.86 13.67 -18.98
N ASP A 182 -2.64 13.18 -18.76
CA ASP A 182 -1.44 13.97 -19.04
C ASP A 182 -0.94 13.83 -20.48
N ILE A 183 -1.09 12.66 -21.10
CA ILE A 183 -0.46 12.38 -22.38
C ILE A 183 -1.44 12.14 -23.51
N GLN A 184 -2.74 12.25 -23.27
CA GLN A 184 -3.71 11.95 -24.31
C GLN A 184 -3.59 12.92 -25.48
N ARG A 185 -3.59 12.37 -26.69
CA ARG A 185 -3.58 13.18 -27.91
C ARG A 185 -4.89 12.96 -28.66
N ALA A 186 -5.26 13.97 -29.45
CA ALA A 186 -6.53 13.93 -30.15
C ALA A 186 -6.57 12.78 -31.15
N GLY A 187 -7.78 12.24 -31.35
CA GLY A 187 -7.97 11.12 -32.25
C GLY A 187 -7.63 9.77 -31.68
N GLN A 188 -6.90 9.71 -30.57
CA GLN A 188 -6.54 8.43 -29.97
C GLN A 188 -7.75 7.81 -29.28
N GLU A 189 -7.97 6.53 -29.54
CA GLU A 189 -9.01 5.80 -28.82
C GLU A 189 -8.57 5.63 -27.37
N PRO A 190 -9.34 6.10 -26.39
CA PRO A 190 -8.85 6.09 -25.00
C PRO A 190 -8.57 4.70 -24.45
N GLU A 191 -9.42 3.71 -24.77
CA GLU A 191 -9.19 2.37 -24.26
C GLU A 191 -7.91 1.77 -24.84
N GLU A 192 -7.53 2.16 -26.05
CA GLU A 192 -6.28 1.65 -26.62
C GLU A 192 -5.07 2.27 -25.93
N ILE A 193 -5.14 3.56 -25.61
CA ILE A 193 -4.04 4.20 -24.91
C ILE A 193 -3.92 3.68 -23.49
N ILE A 194 -5.07 3.48 -22.81
CA ILE A 194 -5.07 2.92 -21.47
C ILE A 194 -4.33 1.59 -21.44
N HIS A 195 -4.62 0.73 -22.43
CA HIS A 195 -3.92 -0.55 -22.52
C HIS A 195 -2.42 -0.35 -22.66
N GLN A 196 -2.00 0.60 -23.51
CA GLN A 196 -0.58 0.82 -23.74
C GLN A 196 0.10 1.47 -22.54
N ILE A 197 -0.62 2.29 -21.78
CA ILE A 197 -0.06 2.86 -20.55
C ILE A 197 0.21 1.75 -19.54
N SER A 198 -0.76 0.84 -19.38
CA SER A 198 -0.59 -0.25 -18.42
C SER A 198 0.59 -1.14 -18.81
N GLU A 199 0.73 -1.46 -20.09
CA GLU A 199 1.86 -2.26 -20.53
C GLU A 199 3.19 -1.57 -20.24
N THR A 200 3.22 -0.25 -20.39
CA THR A 200 4.46 0.50 -20.15
C THR A 200 4.77 0.63 -18.67
N VAL A 201 3.79 1.08 -17.88
CA VAL A 201 4.04 1.39 -16.48
C VAL A 201 3.90 0.18 -15.56
N TYR A 202 3.16 -0.85 -15.99
CA TYR A 202 3.01 -2.11 -15.24
C TYR A 202 3.39 -3.26 -16.18
N PRO A 203 4.68 -3.42 -16.47
CA PRO A 203 5.08 -4.36 -17.54
C PRO A 203 4.92 -5.83 -17.16
N TYR A 205 1.91 -6.87 -15.27
CA TYR A 205 0.52 -7.09 -14.88
C TYR A 205 -0.21 -8.00 -15.87
N LYS A 206 -0.15 -7.66 -17.16
CA LYS A 206 -0.87 -8.43 -18.17
C LYS A 206 -0.32 -9.85 -18.33
N ALA A 207 0.95 -10.08 -17.96
CA ALA A 207 1.59 -11.35 -18.23
C ALA A 207 1.54 -12.30 -17.04
N PHE A 208 1.85 -11.81 -15.84
CA PHE A 208 1.99 -12.66 -14.67
C PHE A 208 0.83 -12.54 -13.69
N ILE A 209 0.24 -11.36 -13.54
CA ILE A 209 -0.67 -11.07 -12.44
C ILE A 209 -2.13 -11.29 -12.84
N GLU A 210 -2.54 -10.74 -13.99
CA GLU A 210 -3.95 -10.76 -14.39
C GLU A 210 -4.50 -12.16 -14.67
N PRO A 211 -3.75 -13.06 -15.36
CA PRO A 211 -4.30 -14.41 -15.58
C PRO A 211 -4.72 -15.12 -14.30
N ASP A 212 -3.97 -14.96 -13.20
CA ASP A 212 -4.37 -15.57 -11.94
C ASP A 212 -5.63 -14.93 -11.38
N LEU A 213 -5.83 -13.64 -11.63
CA LEU A 213 -7.00 -12.95 -11.10
C LEU A 213 -8.29 -13.37 -11.78
N LYS A 214 -8.21 -13.92 -13.00
CA LYS A 214 -9.42 -14.36 -13.70
C LYS A 214 -10.03 -15.59 -13.04
N THR A 215 -9.21 -16.42 -12.38
CA THR A 215 -9.70 -17.61 -11.71
C THR A 215 -10.33 -17.31 -10.35
N ALA A 216 -10.60 -16.05 -10.05
CA ALA A 216 -11.20 -15.70 -8.78
C ALA A 216 -12.70 -15.97 -8.79
N GLN A 217 -13.22 -16.38 -7.64
CA GLN A 217 -14.64 -16.63 -7.49
C GLN A 217 -15.41 -15.38 -7.08
N ILE A 218 -14.75 -14.46 -6.38
CA ILE A 218 -15.31 -13.14 -6.05
C ILE A 218 -14.35 -12.10 -6.59
N LYS A 219 -14.74 -11.45 -7.69
CA LYS A 219 -13.91 -10.44 -8.35
C LYS A 219 -14.36 -9.07 -7.88
N ILE A 220 -13.55 -8.43 -7.04
CA ILE A 220 -13.86 -7.13 -6.47
C ILE A 220 -13.16 -6.05 -7.27
N LEU A 221 -13.92 -5.08 -7.76
CA LEU A 221 -13.41 -3.95 -8.52
C LEU A 221 -13.53 -2.70 -7.64
N ASN A 222 -12.39 -2.22 -7.15
CA ASN A 222 -12.36 -1.10 -6.23
C ASN A 222 -12.23 0.20 -7.03
N LYS A 223 -13.35 0.89 -7.22
CA LYS A 223 -13.35 2.17 -7.91
C LYS A 223 -12.75 3.24 -7.02
N PHE A 224 -11.77 3.98 -7.55
CA PHE A 224 -11.10 4.99 -6.76
C PHE A 224 -11.98 6.22 -6.57
N ASN A 225 -11.97 6.74 -5.34
CA ASN A 225 -12.76 7.93 -5.00
C ASN A 225 -11.82 9.11 -4.80
N PRO A 226 -11.86 10.13 -5.65
CA PRO A 226 -10.96 11.28 -5.46
C PRO A 226 -11.32 12.15 -4.28
N PHE A 227 -12.53 12.06 -3.77
CA PHE A 227 -12.98 12.92 -2.68
C PHE A 227 -12.78 12.29 -1.30
N SER A 228 -12.54 10.98 -1.23
CA SER A 228 -12.35 10.34 0.07
C SER A 228 -11.07 10.81 0.74
N GLY A 229 -10.02 11.08 -0.05
CA GLY A 229 -8.76 11.48 0.53
C GLY A 229 -8.85 12.77 1.32
N PHE A 230 -9.54 13.77 0.76
CA PHE A 230 -9.69 15.05 1.43
C PHE A 230 -10.76 15.04 2.52
N GLN A 231 -11.60 14.00 2.57
CA GLN A 231 -12.50 13.86 3.71
C GLN A 231 -11.72 13.55 4.98
N ASN A 232 -10.72 12.68 4.88
CA ASN A 232 -9.86 12.31 6.01
C ASN A 232 -8.40 12.46 5.59
N PRO A 233 -7.93 13.70 5.49
CA PRO A 233 -6.57 13.93 4.98
C PRO A 233 -5.54 13.97 6.10
N THR A 234 -4.28 14.23 5.74
CA THR A 234 -3.20 14.36 6.71
C THR A 234 -2.90 15.84 6.93
N TYR A 235 -2.97 16.26 8.18
CA TYR A 235 -2.66 17.64 8.56
C TYR A 235 -1.21 17.71 9.00
N ILE A 236 -0.47 18.66 8.44
CA ILE A 236 0.96 18.79 8.68
C ILE A 236 1.27 20.22 9.12
N LEU A 237 1.97 20.34 10.24
CA LEU A 237 2.54 21.61 10.69
C LEU A 237 4.06 21.50 10.60
N LYS A 238 4.68 22.39 9.85
CA LYS A 238 6.12 22.41 9.67
C LYS A 238 6.69 23.65 10.33
N SER A 239 7.77 23.46 11.10
CA SER A 239 8.37 24.53 11.86
C SER A 239 9.87 24.60 11.59
N SER A 240 10.41 25.81 11.66
CA SER A 240 11.84 26.03 11.53
C SER A 240 12.55 26.08 12.88
N LYS A 241 11.83 25.82 13.97
CA LYS A 241 12.42 25.86 15.30
C LYS A 241 13.38 24.69 15.49
N ALA A 242 14.32 24.86 16.41
CA ALA A 242 15.35 23.87 16.68
C ALA A 242 14.98 23.00 17.88
N VAL A 243 13.84 22.32 17.77
CA VAL A 243 13.40 21.39 18.80
C VAL A 243 14.21 20.11 18.65
N THR A 244 15.10 19.84 19.61
CA THR A 244 16.00 18.71 19.51
C THR A 244 15.25 17.41 19.73
N PRO A 245 15.76 16.30 19.20
CA PRO A 245 15.16 14.99 19.51
C PRO A 245 15.19 14.64 20.99
N GLU A 246 16.10 15.23 21.76
CA GLU A 246 16.10 15.01 23.20
C GLU A 246 14.95 15.75 23.88
N GLN A 247 14.57 16.91 23.35
CA GLN A 247 13.44 17.65 23.89
C GLN A 247 12.11 16.97 23.55
N LYS A 249 11.64 13.57 23.14
CA LYS A 249 11.51 12.37 23.96
C LYS A 249 10.91 12.67 25.33
N ALA A 250 11.34 13.78 25.95
CA ALA A 250 10.86 14.12 27.27
C ALA A 250 9.48 14.75 27.23
N ALA A 251 9.24 15.67 26.29
CA ALA A 251 7.95 16.34 26.21
C ALA A 251 6.85 15.37 25.83
N LEU A 252 7.10 14.50 24.85
CA LEU A 252 6.08 13.57 24.38
C LEU A 252 5.86 12.45 25.38
N SER A 253 4.75 11.74 25.20
CA SER A 253 4.42 10.62 26.06
C SER A 253 5.33 9.43 25.75
N GLU A 254 5.36 8.47 26.70
CA GLU A 254 6.10 7.24 26.46
C GLU A 254 5.44 6.36 25.40
N ASP A 255 4.22 6.69 24.97
CA ASP A 255 3.58 5.98 23.87
C ASP A 255 4.23 6.31 22.53
N PHE A 256 4.98 7.40 22.45
CA PHE A 256 5.68 7.76 21.22
C PHE A 256 6.91 6.88 21.05
N LYS A 257 6.91 6.05 20.02
CA LYS A 257 8.05 5.18 19.72
C LYS A 257 9.05 5.92 18.84
N GLU A 258 10.33 5.77 19.16
CA GLU A 258 11.41 6.50 18.54
C GLU A 258 12.08 5.65 17.46
N ARG A 259 12.32 6.26 16.30
CA ARG A 259 12.96 5.55 15.19
C ARG A 259 13.61 6.56 14.26
N THR A 260 14.59 6.09 13.50
CA THR A 260 15.31 6.88 12.52
C THR A 260 15.16 6.26 11.14
N GLU A 261 15.38 7.06 10.10
CA GLU A 261 15.28 6.57 8.74
C GLU A 261 15.89 7.59 7.79
N GLU A 262 16.26 7.10 6.60
CA GLU A 262 16.72 7.93 5.50
C GLU A 262 15.81 7.70 4.30
N THR A 263 15.32 8.78 3.71
CA THR A 263 14.43 8.69 2.55
C THR A 263 15.01 9.48 1.39
N TYR A 264 14.62 9.09 0.18
CA TYR A 264 15.01 9.79 -1.05
C TYR A 264 13.77 9.98 -1.90
N ASP A 265 13.44 11.23 -2.21
CA ASP A 265 12.25 11.59 -2.96
C ASP A 265 12.64 12.04 -4.36
N ILE A 266 11.98 11.46 -5.37
CA ILE A 266 12.17 11.87 -6.76
C ILE A 266 10.89 12.56 -7.22
N TYR A 267 11.00 13.85 -7.53
CA TYR A 267 9.85 14.63 -7.97
C TYR A 267 9.77 14.58 -9.49
N LEU A 268 8.66 14.08 -10.01
CA LEU A 268 8.44 13.94 -11.45
C LEU A 268 7.41 14.96 -11.93
N LEU A 269 7.73 15.65 -13.03
CA LEU A 269 6.79 16.54 -13.68
C LEU A 269 6.15 15.85 -14.88
N PRO A 270 4.89 16.16 -15.18
CA PRO A 270 4.24 15.59 -16.36
C PRO A 270 4.86 16.12 -17.63
N PRO A 271 4.67 15.44 -18.76
CA PRO A 271 5.13 15.99 -20.04
C PRO A 271 4.32 17.21 -20.41
N GLY A 272 4.94 18.08 -21.20
CA GLY A 272 4.33 19.34 -21.60
C GLY A 272 5.06 20.52 -21.00
N GLU A 273 4.50 21.70 -21.26
CA GLU A 273 5.11 22.97 -20.87
C GLU A 273 4.28 23.57 -19.74
N ASP A 274 4.59 23.15 -18.50
CA ASP A 274 4.08 23.80 -17.30
C ASP A 274 5.02 24.94 -16.94
N PRO A 275 4.65 26.20 -17.23
CA PRO A 275 5.58 27.31 -17.00
C PRO A 275 5.92 27.51 -15.54
N GLU A 276 6.60 26.52 -14.94
CA GLU A 276 6.94 26.53 -13.50
C GLU A 276 5.70 26.75 -12.64
N ALA A 277 4.55 26.41 -13.19
CA ALA A 277 3.26 26.54 -12.51
C ALA A 277 2.31 25.55 -13.15
N CYS A 278 1.10 25.46 -12.59
CA CYS A 278 0.13 24.41 -12.92
C CYS A 278 0.73 23.02 -12.75
N GLN A 279 1.79 22.91 -11.94
CA GLN A 279 2.62 21.73 -11.87
C GLN A 279 2.07 20.76 -10.83
N SER A 280 1.53 19.63 -11.30
CA SER A 280 1.14 18.54 -10.43
C SER A 280 2.27 17.52 -10.42
N TYR A 281 2.96 17.43 -9.28
CA TYR A 281 4.08 16.51 -9.16
C TYR A 281 3.61 15.09 -8.86
N LEU A 282 4.35 14.13 -9.39
CA LEU A 282 4.36 12.77 -8.85
C LEU A 282 5.65 12.58 -8.08
N ARG A 283 5.57 11.92 -6.93
CA ARG A 283 6.73 11.71 -6.08
C ARG A 283 7.04 10.22 -5.98
N ARG A 285 9.19 7.85 -3.77
CA ARG A 285 9.89 7.85 -2.49
C ARG A 285 10.56 6.51 -2.25
N ASN A 286 11.83 6.55 -1.85
CA ASN A 286 12.61 5.36 -1.54
C ASN A 286 12.90 5.37 -0.04
N ARG A 287 12.43 4.34 0.67
CA ARG A 287 12.55 4.29 2.12
C ARG A 287 12.54 2.84 2.57
N ASP A 288 13.68 2.37 3.08
CA ASP A 288 13.82 1.05 3.69
C ASP A 288 13.45 -0.06 2.71
N GLY A 289 14.13 -0.05 1.56
CA GLY A 289 13.97 -1.09 0.57
C GLY A 289 12.66 -1.12 -0.17
N LYS A 290 11.87 -0.04 -0.11
CA LYS A 290 10.60 0.04 -0.79
C LYS A 290 10.51 1.34 -1.59
N TYR A 291 9.94 1.24 -2.78
CA TYR A 291 9.63 2.41 -3.61
C TYR A 291 8.14 2.68 -3.52
N ASN A 292 7.79 3.93 -3.26
CA ASN A 292 6.40 4.36 -3.14
C ASN A 292 6.13 5.51 -4.09
N LEU A 293 5.04 5.40 -4.84
CA LEU A 293 4.58 6.49 -5.69
C LEU A 293 3.56 7.31 -4.91
N PHE A 295 0.99 10.89 -4.84
CA PHE A 295 0.31 11.97 -5.53
C PHE A 295 0.42 13.24 -4.68
N GLU A 296 0.78 14.34 -5.31
CA GLU A 296 1.07 15.59 -4.62
C GLU A 296 -0.10 16.54 -4.82
N GLU A 297 -1.19 16.28 -4.11
CA GLU A 297 -2.38 17.12 -4.11
C GLU A 297 -2.43 17.83 -2.77
N TRP A 298 -2.14 19.13 -2.77
CA TRP A 298 -1.91 19.89 -1.55
C TRP A 298 -2.83 21.10 -1.45
N VAL A 299 -3.32 21.35 -0.24
CA VAL A 299 -4.05 22.56 0.11
C VAL A 299 -3.32 23.22 1.27
N THR A 300 -3.28 24.55 1.26
CA THR A 300 -2.56 25.33 2.26
C THR A 300 -3.58 26.15 3.06
N ASP A 301 -3.80 25.76 4.31
CA ASP A 301 -4.62 26.50 5.26
C ASP A 301 -3.68 26.92 6.39
N ARG A 302 -3.19 28.17 6.31
CA ARG A 302 -2.16 28.65 7.22
C ARG A 302 -2.59 28.42 8.68
N PRO A 303 -1.72 27.86 9.53
CA PRO A 303 -0.35 27.46 9.17
C PRO A 303 -0.22 26.01 8.69
N PHE A 304 -1.32 25.28 8.59
CA PHE A 304 -1.27 23.90 8.16
C PHE A 304 -0.98 23.79 6.68
N ILE A 305 -0.47 22.64 6.27
CA ILE A 305 -0.54 22.15 4.90
C ILE A 305 -1.20 20.79 4.93
N ILE A 306 -2.17 20.57 4.04
CA ILE A 306 -3.04 19.41 4.10
C ILE A 306 -2.94 18.65 2.78
N SER A 307 -2.89 17.32 2.88
CA SER A 307 -2.83 16.47 1.70
C SER A 307 -3.32 15.08 2.07
N PRO A 308 -4.03 14.39 1.18
CA PRO A 308 -4.46 13.01 1.49
C PRO A 308 -3.31 12.03 1.63
N ARG A 309 -2.16 12.31 1.01
CA ARG A 309 -1.00 11.41 1.00
C ARG A 309 -1.39 10.04 0.45
N ILE A 310 -1.90 10.04 -0.77
CA ILE A 310 -2.26 8.81 -1.47
C ILE A 310 -0.98 8.19 -2.00
N THR A 311 -0.68 6.97 -1.54
CA THR A 311 0.58 6.33 -1.91
C THR A 311 0.39 4.82 -2.00
N PHE A 312 1.13 4.20 -2.91
CA PHE A 312 1.15 2.75 -3.02
C PHE A 312 2.53 2.31 -3.48
N GLU A 313 2.88 1.05 -3.17
CA GLU A 313 4.20 0.54 -3.46
C GLU A 313 4.34 0.20 -4.94
N VAL A 314 5.49 0.57 -5.51
CA VAL A 314 5.76 0.38 -6.93
C VAL A 314 7.18 -0.14 -7.11
N SER A 315 7.44 -0.69 -8.29
CA SER A 315 8.80 -1.08 -8.66
C SER A 315 9.55 0.12 -9.23
N VAL A 316 10.89 0.02 -9.24
CA VAL A 316 11.67 1.07 -9.89
C VAL A 316 11.38 1.09 -11.38
N ARG A 317 10.98 -0.05 -11.94
CA ARG A 317 10.58 -0.10 -13.34
C ARG A 317 9.52 0.93 -13.67
N LEU A 318 8.64 1.24 -12.71
CA LEU A 318 7.62 2.26 -12.94
C LEU A 318 8.24 3.63 -13.22
N LEU A 319 9.38 3.92 -12.60
CA LEU A 319 10.08 5.17 -12.92
C LEU A 319 10.54 5.19 -14.37
N GLY A 320 11.11 4.08 -14.84
CA GLY A 320 11.49 4.01 -16.24
C GLY A 320 10.32 4.13 -17.19
N GLY A 321 9.17 3.57 -16.79
CA GLY A 321 7.99 3.66 -17.64
C GLY A 321 7.44 5.07 -17.72
N LEU A 322 7.40 5.77 -16.58
CA LEU A 322 6.88 7.14 -16.58
C LEU A 322 7.75 8.06 -17.43
N ALA A 324 9.65 7.08 -19.90
CA ALA A 324 9.40 6.68 -21.28
C ALA A 324 8.13 7.31 -21.84
N LEU A 325 7.21 7.73 -20.98
CA LEU A 325 5.97 8.38 -21.38
C LEU A 325 6.05 9.90 -21.30
N GLY A 326 7.23 10.45 -21.05
CA GLY A 326 7.44 11.89 -21.11
C GLY A 326 7.62 12.56 -19.77
N TYR A 327 7.39 11.88 -18.66
CA TYR A 327 7.59 12.48 -17.35
C TYR A 327 9.08 12.73 -17.11
N THR A 328 9.40 13.87 -16.51
CA THR A 328 10.78 14.28 -16.30
C THR A 328 11.05 14.44 -14.80
N ILE A 329 12.31 14.22 -14.42
CA ILE A 329 12.72 14.36 -13.03
C ILE A 329 12.99 15.84 -12.74
N ALA A 330 12.19 16.42 -11.86
CA ALA A 330 12.37 17.83 -11.51
C ALA A 330 13.55 18.01 -10.57
N THR A 331 13.61 17.20 -9.51
CA THR A 331 14.70 17.30 -8.54
C THR A 331 14.71 16.04 -7.68
N ILE A 332 15.83 15.83 -7.00
CA ILE A 332 16.00 14.75 -6.03
C ILE A 332 16.18 15.38 -4.65
N LEU A 333 15.39 14.92 -3.69
CA LEU A 333 15.47 15.41 -2.31
C LEU A 333 15.89 14.25 -1.42
N LYS A 334 17.10 14.33 -0.89
CA LYS A 334 17.61 13.34 0.07
C LYS A 334 17.53 13.94 1.47
N ARG A 335 16.95 13.19 2.39
CA ARG A 335 16.77 13.67 3.75
C ARG A 335 17.09 12.56 4.74
N LYS A 336 17.35 12.97 5.98
CA LYS A 336 17.55 12.07 7.11
C LYS A 336 16.63 12.51 8.23
N SER A 337 15.81 11.58 8.73
CA SER A 337 14.73 11.92 9.65
C SER A 337 14.88 11.18 10.98
N HIS A 338 14.40 11.83 12.04
CA HIS A 338 14.32 11.26 13.38
C HIS A 338 12.87 11.37 13.83
N ILE A 339 12.21 10.24 14.00
CA ILE A 339 10.75 10.16 14.08
C ILE A 339 10.32 9.67 15.45
N PHE A 340 9.29 10.31 16.00
CA PHE A 340 8.58 9.84 17.18
C PHE A 340 7.13 9.59 16.78
N ASP A 341 6.67 8.35 16.96
CA ASP A 341 5.39 7.92 16.41
C ASP A 341 4.49 7.44 17.54
N ASP A 342 3.41 8.19 17.80
CA ASP A 342 2.33 7.78 18.67
C ASP A 342 1.41 6.75 18.02
N ASP A 343 1.68 6.39 16.77
CA ASP A 343 0.84 5.55 15.92
C ASP A 343 -0.42 6.30 15.50
N LYS A 344 -0.63 7.50 16.06
CA LYS A 344 -1.75 8.35 15.67
C LYS A 344 -1.24 9.75 15.33
N VAL A 345 -0.16 10.18 15.98
CA VAL A 345 0.47 11.47 15.73
C VAL A 345 1.97 11.25 15.61
N ILE A 346 2.57 11.85 14.57
CA ILE A 346 4.00 11.72 14.32
C ILE A 346 4.66 13.08 14.52
N VAL A 347 5.67 13.12 15.37
CA VAL A 347 6.53 14.29 15.54
C VAL A 347 7.93 13.90 15.09
N LYS A 348 8.45 14.61 14.09
CA LYS A 348 9.75 14.24 13.54
C LYS A 348 10.53 15.51 13.20
N THR A 349 11.83 15.31 12.96
CA THR A 349 12.73 16.35 12.49
C THR A 349 13.43 15.86 11.24
N ASP A 350 13.39 16.66 10.18
CA ASP A 350 13.96 16.30 8.89
C ASP A 350 15.12 17.23 8.56
N TRP A 351 16.23 16.64 8.11
CA TRP A 351 17.36 17.40 7.60
C TRP A 351 17.53 17.09 6.12
N LEU A 352 17.38 18.10 5.28
CA LEU A 352 17.48 17.95 3.83
C LEU A 352 18.83 18.48 3.37
N GLU A 353 19.53 17.69 2.55
CA GLU A 353 20.86 18.07 2.10
C GLU A 353 20.82 19.32 1.22
N GLN A 354 19.82 19.40 0.33
CA GLN A 354 19.80 20.48 -0.65
C GLN A 354 19.56 21.84 0.00
N LEU A 355 18.91 21.86 1.16
CA LEU A 355 18.70 23.10 1.90
C LEU A 355 19.72 23.31 3.02
N ASN A 356 20.38 22.24 3.47
CA ASN A 356 21.28 22.29 4.62
C ASN A 356 20.59 22.93 5.83
N ARG A 357 19.32 22.57 6.02
CA ARG A 357 18.50 23.09 7.09
C ARG A 357 17.79 21.95 7.80
N THR A 358 17.36 22.23 9.03
CA THR A 358 16.63 21.26 9.84
C THR A 358 15.25 21.83 10.15
N TYR A 359 14.21 21.01 9.93
CA TYR A 359 12.84 21.41 10.19
C TYR A 359 12.16 20.39 11.07
N VAL A 360 11.20 20.86 11.86
CA VAL A 360 10.37 20.00 12.70
C VAL A 360 9.01 19.85 12.04
N GLN A 361 8.44 18.65 12.12
CA GLN A 361 7.18 18.35 11.45
C GLN A 361 6.28 17.56 12.38
N VAL A 362 5.10 18.09 12.64
CA VAL A 362 4.04 17.38 13.38
C VAL A 362 2.92 17.07 12.40
N GLN A 363 2.65 15.78 12.20
CA GLN A 363 1.67 15.35 11.22
C GLN A 363 0.74 14.31 11.82
N GLY A 364 -0.46 14.23 11.27
CA GLY A 364 -1.45 13.29 11.74
C GLY A 364 -2.78 13.54 11.07
N LYS A 365 -3.69 12.57 11.24
CA LYS A 365 -5.02 12.66 10.64
C LYS A 365 -6.02 13.40 11.52
N ASP A 366 -5.70 13.65 12.79
CA ASP A 366 -6.56 14.43 13.67
C ASP A 366 -5.98 15.83 13.76
N ARG A 367 -6.70 16.81 13.21
CA ARG A 367 -6.16 18.17 13.12
C ARG A 367 -5.96 18.78 14.49
N THR A 368 -6.90 18.55 15.41
CA THR A 368 -6.76 19.10 16.76
C THR A 368 -5.58 18.47 17.50
N PHE A 369 -5.33 17.18 17.26
CA PHE A 369 -4.19 16.53 17.88
C PHE A 369 -2.88 17.11 17.36
N VAL A 370 -2.84 17.47 16.08
CA VAL A 370 -1.62 18.02 15.50
C VAL A 370 -1.34 19.41 16.05
N LYS A 371 -2.37 20.25 16.12
CA LYS A 371 -2.18 21.63 16.57
C LYS A 371 -1.70 21.67 18.01
N ASN A 372 -2.34 20.89 18.89
CA ASN A 372 -2.00 20.97 20.32
C ASN A 372 -0.62 20.38 20.60
N VAL A 373 -0.27 19.28 19.93
CA VAL A 373 1.07 18.72 20.10
C VAL A 373 2.13 19.71 19.63
N ALA A 374 1.86 20.42 18.53
CA ALA A 374 2.77 21.46 18.09
C ALA A 374 2.84 22.60 19.10
N ASP A 375 1.70 22.94 19.72
CA ASP A 375 1.72 23.96 20.77
C ASP A 375 2.45 23.47 22.02
N GLN A 376 2.37 22.17 22.31
CA GLN A 376 3.09 21.62 23.45
C GLN A 376 4.60 21.77 23.28
N LEU A 377 5.09 21.73 22.05
CA LEU A 377 6.50 21.91 21.76
C LEU A 377 6.87 23.38 21.56
N GLY A 378 5.94 24.30 21.78
CA GLY A 378 6.20 25.72 21.60
C GLY A 378 6.58 26.08 20.17
N LEU A 379 5.78 25.65 19.21
CA LEU A 379 6.07 25.85 17.80
C LEU A 379 5.37 27.07 17.21
N GLU A 380 4.58 27.78 18.00
CA GLU A 380 3.87 28.95 17.49
C GLU A 380 4.86 30.05 17.11
N GLY A 381 4.65 30.65 15.95
CA GLY A 381 5.52 31.70 15.45
C GLY A 381 6.68 31.22 14.59
N SER A 382 6.82 29.91 14.38
CA SER A 382 7.89 29.37 13.56
C SER A 382 7.36 28.51 12.42
N TYR A 383 6.07 28.56 12.14
CA TYR A 383 5.48 27.68 11.13
C TYR A 383 5.83 28.15 9.72
N VAL A 384 6.14 27.19 8.85
CA VAL A 384 6.38 27.43 7.44
C VAL A 384 5.35 26.64 6.64
N PRO A 385 4.28 27.29 6.18
CA PRO A 385 3.19 26.59 5.49
C PRO A 385 3.51 26.31 4.01
N HIS A 386 4.58 25.56 3.78
CA HIS A 386 5.02 25.23 2.43
C HIS A 386 5.57 23.82 2.40
N THR A 387 5.37 23.14 1.27
CA THR A 387 5.98 21.84 1.08
C THR A 387 7.48 21.99 0.83
N TYR A 388 8.21 20.88 1.02
CA TYR A 388 9.65 20.92 0.80
C TYR A 388 9.98 21.25 -0.65
N ILE A 389 9.21 20.72 -1.60
CA ILE A 389 9.43 21.04 -3.00
C ILE A 389 9.12 22.50 -3.27
N GLU A 390 8.23 23.10 -2.47
CA GLU A 390 7.91 24.51 -2.64
C GLU A 390 8.96 25.40 -1.99
N GLN A 391 9.67 24.90 -0.98
CA GLN A 391 10.69 25.70 -0.32
C GLN A 391 11.91 25.91 -1.21
N ILE A 392 12.37 24.86 -1.87
CA ILE A 392 13.48 25.00 -2.81
C ILE A 392 13.08 25.91 -3.97
N GLN A 393 11.80 25.85 -4.38
CA GLN A 393 11.32 26.77 -5.40
C GLN A 393 11.38 28.22 -4.91
N LEU A 394 11.02 28.45 -3.65
CA LEU A 394 11.05 29.81 -3.10
C LEU A 394 12.49 30.29 -2.87
N GLU A 395 13.39 29.39 -2.49
CA GLU A 395 14.78 29.75 -2.23
C GLU A 395 15.63 29.43 -3.47
N ARG A 396 15.41 30.23 -4.51
CA ARG A 396 16.17 30.12 -5.74
C ARG A 396 17.38 31.05 -5.70
#